data_4L7P
#
_entry.id   4L7P
#
_cell.length_a   56.876
_cell.length_b   56.535
_cell.length_c   58.622
_cell.angle_alpha   90.00
_cell.angle_beta   114.26
_cell.angle_gamma   90.00
#
_symmetry.space_group_name_H-M   'P 1 21 1'
#
loop_
_entity.id
_entity.type
_entity.pdbx_description
1 polymer 'Poly [ADP-ribose] polymerase 3'
2 non-polymer (2E)-N-[(2S)-1-hydroxy-3-phenylpropan-2-yl]-3-(4-oxo-1,4-dihydroquinazolin-2-yl)prop-2-enamide
3 water water
#
_entity_poly.entity_id   1
_entity_poly.type   'polypeptide(L)'
_entity_poly.pdbx_seq_one_letter_code
;SMKRVQPCSLDPATQKLITNIFSKEMFKNTMALMDLDVKKMPLGKLSKQQIARGFEALEALEEALKGPTDGGQSLEELSS
HFYTVIPHNFGHSQPPPINSPELLQAKKDMLLVLADIELAQALQAVSEQEKTVEEVPHPLDRDYQLLKCQLQLLDSGAPE
YKVIQTYLEQTGSNHRCPTLQHIWKVNQEGEEDRFQAHSKLGNRKLLWHGTNMAVVAAILTSGLRIMPHSGGRVGKGIYF
ASENSKSAGYVIGMKCGAHHVGYMFLGEVALGREHHINTDNPSLKSPPPGFDSVIARGHTEPDPTQDTELELDGQQVVVP
QGQPVPCPEFSSSTFSQSEYLIYQESQCRLRYLLEVH
;
_entity_poly.pdbx_strand_id   A
#
loop_
_chem_comp.id
_chem_comp.type
_chem_comp.name
_chem_comp.formula
M95 non-polymer (2E)-N-[(2S)-1-hydroxy-3-phenylpropan-2-yl]-3-(4-oxo-1,4-dihydroquinazolin-2-yl)prop-2-enamide 'C20 H19 N3 O3'
#
# COMPACT_ATOMS: atom_id res chain seq x y z
N MET A 2 -24.51 11.39 30.14
CA MET A 2 -23.96 11.77 28.84
C MET A 2 -22.47 12.11 28.93
N LYS A 3 -21.68 11.39 28.15
CA LYS A 3 -20.24 11.46 28.07
C LYS A 3 -19.74 12.71 27.35
N ARG A 4 -18.70 13.34 27.91
CA ARG A 4 -18.08 14.50 27.29
C ARG A 4 -17.18 14.07 26.14
N VAL A 5 -17.28 14.75 25.00
CA VAL A 5 -16.40 14.52 23.84
C VAL A 5 -15.28 15.56 23.97
N GLN A 6 -14.02 15.11 24.07
CA GLN A 6 -12.89 16.04 24.21
C GLN A 6 -12.58 16.74 22.89
N PRO A 7 -12.05 17.99 22.91
CA PRO A 7 -11.73 18.68 21.65
C PRO A 7 -10.69 17.93 20.84
N CYS A 8 -10.69 18.12 19.52
CA CYS A 8 -9.71 17.47 18.68
C CYS A 8 -8.34 18.10 18.88
N SER A 9 -7.31 17.28 18.95
CA SER A 9 -5.93 17.79 19.12
C SER A 9 -5.20 17.87 17.77
N LEU A 10 -5.83 17.36 16.70
CA LEU A 10 -5.17 17.27 15.40
C LEU A 10 -5.30 18.54 14.60
N ASP A 11 -4.27 18.82 13.77
CA ASP A 11 -4.27 19.97 12.87
C ASP A 11 -5.29 19.70 11.74
N PRO A 12 -5.76 20.73 11.00
CA PRO A 12 -6.74 20.49 9.93
C PRO A 12 -6.33 19.43 8.91
N ALA A 13 -5.07 19.43 8.42
CA ALA A 13 -4.57 18.47 7.42
C ALA A 13 -4.61 17.01 7.95
N THR A 14 -4.24 16.78 9.23
CA THR A 14 -4.30 15.43 9.82
C THR A 14 -5.76 15.00 10.04
N GLN A 15 -6.65 15.95 10.45
CA GLN A 15 -8.08 15.68 10.61
C GLN A 15 -8.67 15.12 9.30
N LYS A 16 -8.36 15.80 8.19
CA LYS A 16 -8.82 15.45 6.84
C LYS A 16 -8.30 14.06 6.47
N LEU A 17 -7.03 13.78 6.73
CA LEU A 17 -6.38 12.48 6.45
C LEU A 17 -7.11 11.35 7.20
N ILE A 18 -7.29 11.50 8.52
CA ILE A 18 -7.96 10.51 9.37
C ILE A 18 -9.41 10.33 8.91
N THR A 19 -10.10 11.42 8.49
CA THR A 19 -11.49 11.37 8.01
C THR A 19 -11.53 10.52 6.76
N ASN A 20 -10.60 10.78 5.81
CA ASN A 20 -10.54 10.07 4.55
C ASN A 20 -10.19 8.59 4.68
N ILE A 21 -9.20 8.21 5.47
CA ILE A 21 -8.73 6.82 5.52
C ILE A 21 -9.66 5.92 6.39
N PHE A 22 -10.61 6.52 7.12
CA PHE A 22 -11.63 5.77 7.89
C PHE A 22 -13.05 5.99 7.31
N SER A 23 -13.15 6.75 6.21
CA SER A 23 -14.42 7.09 5.58
C SER A 23 -15.17 5.84 5.09
N LYS A 24 -16.37 5.66 5.65
CA LYS A 24 -17.27 4.54 5.32
C LYS A 24 -17.65 4.59 3.85
N GLU A 25 -17.85 5.79 3.30
CA GLU A 25 -18.17 6.04 1.90
C GLU A 25 -16.98 5.69 1.02
N MET A 26 -15.74 6.01 1.47
CA MET A 26 -14.54 5.65 0.71
C MET A 26 -14.44 4.11 0.68
N PHE A 27 -14.73 3.44 1.81
CA PHE A 27 -14.67 1.98 1.88
C PHE A 27 -15.73 1.32 0.99
N LYS A 28 -16.99 1.84 1.03
CA LYS A 28 -18.09 1.32 0.21
C LYS A 28 -17.82 1.56 -1.29
N ASN A 29 -17.24 2.74 -1.65
CA ASN A 29 -16.81 3.09 -3.02
C ASN A 29 -15.81 2.10 -3.56
N THR A 30 -14.79 1.77 -2.75
CA THR A 30 -13.74 0.80 -3.10
C THR A 30 -14.37 -0.56 -3.41
N MET A 31 -15.34 -1.02 -2.56
CA MET A 31 -16.06 -2.29 -2.77
C MET A 31 -16.91 -2.24 -4.06
N ALA A 32 -17.50 -1.06 -4.41
CA ALA A 32 -18.25 -0.89 -5.66
C ALA A 32 -17.31 -0.98 -6.87
N LEU A 33 -16.09 -0.43 -6.75
CA LEU A 33 -15.04 -0.43 -7.78
C LEU A 33 -14.41 -1.84 -7.99
N MET A 34 -14.59 -2.75 -7.03
CA MET A 34 -14.12 -4.14 -7.12
C MET A 34 -15.29 -5.08 -7.46
N ASP A 35 -16.43 -4.48 -7.87
CA ASP A 35 -17.66 -5.16 -8.29
C ASP A 35 -18.38 -5.91 -7.15
N LEU A 36 -18.11 -5.56 -5.88
CA LEU A 36 -18.76 -6.23 -4.75
C LEU A 36 -20.18 -5.69 -4.50
N ASP A 37 -21.02 -6.51 -3.85
CA ASP A 37 -22.39 -6.14 -3.50
C ASP A 37 -22.39 -5.68 -2.03
N VAL A 38 -22.31 -4.36 -1.81
CA VAL A 38 -22.24 -3.71 -0.49
C VAL A 38 -23.55 -3.93 0.30
N LYS A 39 -24.68 -4.14 -0.38
CA LYS A 39 -25.96 -4.38 0.27
C LYS A 39 -25.99 -5.78 0.89
N LYS A 40 -25.53 -6.81 0.13
CA LYS A 40 -25.48 -8.22 0.57
C LYS A 40 -24.27 -8.49 1.46
N MET A 41 -23.30 -7.56 1.49
CA MET A 41 -22.07 -7.69 2.27
C MET A 41 -21.66 -6.29 2.83
N PRO A 42 -22.36 -5.76 3.88
CA PRO A 42 -21.97 -4.44 4.42
C PRO A 42 -20.69 -4.46 5.26
N LEU A 43 -20.05 -3.27 5.44
CA LEU A 43 -18.82 -3.08 6.22
C LEU A 43 -18.91 -3.64 7.66
N GLY A 44 -20.10 -3.51 8.25
CA GLY A 44 -20.37 -4.00 9.60
C GLY A 44 -20.49 -5.51 9.67
N LYS A 45 -20.85 -6.17 8.54
CA LYS A 45 -21.01 -7.63 8.46
C LYS A 45 -19.71 -8.33 8.01
N LEU A 46 -18.77 -7.58 7.40
CA LEU A 46 -17.48 -8.13 6.93
C LEU A 46 -16.80 -8.92 8.02
N SER A 47 -16.32 -10.12 7.71
CA SER A 47 -15.65 -10.94 8.71
C SER A 47 -14.39 -11.58 8.15
N LYS A 48 -13.47 -11.97 9.05
CA LYS A 48 -12.21 -12.64 8.72
C LYS A 48 -12.51 -14.05 8.20
N GLN A 49 -13.55 -14.71 8.78
CA GLN A 49 -13.99 -16.07 8.44
C GLN A 49 -14.49 -16.13 6.98
N GLN A 50 -15.35 -15.16 6.58
CA GLN A 50 -15.90 -15.01 5.23
C GLN A 50 -14.76 -14.78 4.19
N ILE A 51 -13.81 -13.87 4.51
CA ILE A 51 -12.64 -13.58 3.67
C ILE A 51 -11.76 -14.84 3.57
N ALA A 52 -11.54 -15.56 4.69
CA ALA A 52 -10.81 -16.84 4.71
C ALA A 52 -11.50 -17.88 3.81
N ARG A 53 -12.86 -17.98 3.88
CA ARG A 53 -13.68 -18.89 3.07
C ARG A 53 -13.53 -18.60 1.56
N GLY A 54 -13.46 -17.31 1.21
CA GLY A 54 -13.27 -16.81 -0.16
C GLY A 54 -11.90 -17.17 -0.69
N PHE A 55 -10.85 -17.07 0.16
CA PHE A 55 -9.50 -17.47 -0.22
C PHE A 55 -9.45 -18.99 -0.48
N GLU A 56 -10.15 -19.79 0.36
CA GLU A 56 -10.23 -21.26 0.24
C GLU A 56 -10.83 -21.65 -1.12
N ALA A 57 -11.91 -20.94 -1.54
CA ALA A 57 -12.58 -21.14 -2.83
C ALA A 57 -11.63 -20.84 -3.98
N LEU A 58 -10.81 -19.79 -3.82
CA LEU A 58 -9.81 -19.36 -4.81
C LEU A 58 -8.65 -20.34 -4.88
N GLU A 59 -8.24 -20.93 -3.73
CA GLU A 59 -7.19 -21.95 -3.63
C GLU A 59 -7.65 -23.22 -4.36
N ALA A 60 -8.96 -23.53 -4.27
CA ALA A 60 -9.60 -24.67 -4.93
C ALA A 60 -9.65 -24.41 -6.43
N LEU A 61 -9.98 -23.15 -6.83
CA LEU A 61 -10.01 -22.73 -8.24
C LEU A 61 -8.61 -22.75 -8.85
N GLU A 62 -7.58 -22.47 -8.02
CA GLU A 62 -6.17 -22.48 -8.41
C GLU A 62 -5.75 -23.90 -8.85
N GLU A 63 -6.16 -24.93 -8.07
CA GLU A 63 -5.89 -26.35 -8.33
C GLU A 63 -6.56 -26.80 -9.63
N ALA A 64 -7.88 -26.48 -9.80
CA ALA A 64 -8.69 -26.81 -10.97
C ALA A 64 -8.12 -26.23 -12.27
N LEU A 65 -7.31 -25.15 -12.18
CA LEU A 65 -6.65 -24.55 -13.33
C LEU A 65 -5.33 -25.26 -13.65
N LYS A 66 -4.63 -25.75 -12.61
CA LYS A 66 -3.36 -26.48 -12.76
C LYS A 66 -3.61 -27.99 -12.77
N GLN A 73 -15.00 -31.53 -9.93
CA GLN A 73 -15.53 -30.18 -9.75
C GLN A 73 -15.05 -29.25 -10.87
N SER A 74 -16.00 -28.67 -11.64
CA SER A 74 -15.71 -27.77 -12.75
C SER A 74 -15.37 -26.36 -12.26
N LEU A 75 -14.87 -25.50 -13.18
CA LEU A 75 -14.54 -24.11 -12.87
C LEU A 75 -15.82 -23.32 -12.56
N GLU A 76 -16.95 -23.71 -13.18
CA GLU A 76 -18.27 -23.11 -13.00
C GLU A 76 -18.81 -23.37 -11.60
N GLU A 77 -18.72 -24.63 -11.12
CA GLU A 77 -19.17 -25.05 -9.78
C GLU A 77 -18.36 -24.34 -8.71
N LEU A 78 -17.03 -24.35 -8.84
CA LEU A 78 -16.10 -23.73 -7.91
C LEU A 78 -16.21 -22.20 -7.93
N SER A 79 -16.54 -21.58 -9.12
CA SER A 79 -16.76 -20.12 -9.23
C SER A 79 -18.07 -19.74 -8.57
N SER A 80 -19.13 -20.54 -8.78
CA SER A 80 -20.44 -20.33 -8.16
C SER A 80 -20.33 -20.35 -6.63
N HIS A 81 -19.41 -21.18 -6.08
CA HIS A 81 -19.19 -21.25 -4.64
C HIS A 81 -18.45 -20.00 -4.16
N PHE A 82 -17.48 -19.49 -4.94
CA PHE A 82 -16.77 -18.26 -4.55
C PHE A 82 -17.72 -17.05 -4.53
N TYR A 83 -18.59 -16.93 -5.55
CA TYR A 83 -19.56 -15.86 -5.71
C TYR A 83 -20.70 -15.94 -4.69
N THR A 84 -20.88 -17.09 -4.01
CA THR A 84 -21.87 -17.24 -2.95
C THR A 84 -21.25 -16.74 -1.63
N VAL A 85 -19.95 -17.01 -1.42
CA VAL A 85 -19.18 -16.64 -0.22
C VAL A 85 -18.87 -15.13 -0.28
N ILE A 86 -18.43 -14.63 -1.45
CA ILE A 86 -18.09 -13.21 -1.69
C ILE A 86 -19.10 -12.66 -2.73
N PRO A 87 -20.21 -12.03 -2.25
CA PRO A 87 -21.24 -11.54 -3.17
C PRO A 87 -20.78 -10.39 -4.08
N HIS A 88 -21.12 -10.52 -5.37
CA HIS A 88 -20.76 -9.56 -6.42
C HIS A 88 -22.00 -8.95 -7.03
N ASN A 89 -21.82 -7.78 -7.67
CA ASN A 89 -22.88 -7.06 -8.36
C ASN A 89 -22.50 -6.89 -9.84
N PHE A 90 -23.27 -7.53 -10.73
CA PHE A 90 -23.01 -7.47 -12.17
C PHE A 90 -24.31 -7.29 -12.97
N GLY A 91 -24.94 -6.14 -12.80
CA GLY A 91 -26.20 -5.74 -13.44
C GLY A 91 -27.27 -6.82 -13.52
N HIS A 92 -27.30 -7.73 -12.52
CA HIS A 92 -28.21 -8.88 -12.39
C HIS A 92 -28.07 -9.83 -13.60
N SER A 93 -26.82 -10.25 -13.88
CA SER A 93 -26.45 -11.18 -14.96
C SER A 93 -25.65 -12.35 -14.39
N GLN A 94 -25.25 -13.32 -15.24
CA GLN A 94 -24.45 -14.48 -14.81
C GLN A 94 -23.03 -14.00 -14.44
N PRO A 95 -22.50 -14.34 -13.23
CA PRO A 95 -21.14 -13.88 -12.88
C PRO A 95 -20.08 -14.59 -13.73
N PRO A 96 -18.98 -13.92 -14.15
CA PRO A 96 -18.02 -14.58 -15.05
C PRO A 96 -17.19 -15.65 -14.34
N PRO A 97 -17.05 -16.87 -14.93
CA PRO A 97 -16.28 -17.92 -14.24
C PRO A 97 -14.79 -17.60 -14.21
N ILE A 98 -14.15 -17.88 -13.07
CA ILE A 98 -12.73 -17.64 -12.83
C ILE A 98 -12.00 -18.80 -13.51
N ASN A 99 -11.62 -18.56 -14.78
CA ASN A 99 -11.02 -19.57 -15.66
C ASN A 99 -9.65 -19.16 -16.22
N SER A 100 -8.99 -18.18 -15.62
CA SER A 100 -7.66 -17.75 -16.05
C SER A 100 -6.81 -17.36 -14.84
N PRO A 101 -5.46 -17.50 -14.92
CA PRO A 101 -4.61 -17.10 -13.77
C PRO A 101 -4.66 -15.59 -13.51
N GLU A 102 -5.11 -14.80 -14.51
CA GLU A 102 -5.23 -13.34 -14.41
C GLU A 102 -6.47 -12.97 -13.60
N LEU A 103 -7.62 -13.63 -13.88
CA LEU A 103 -8.89 -13.39 -13.19
C LEU A 103 -8.82 -13.98 -11.76
N LEU A 104 -7.95 -15.01 -11.56
CA LEU A 104 -7.73 -15.64 -10.26
C LEU A 104 -6.93 -14.70 -9.36
N GLN A 105 -5.85 -14.06 -9.90
CA GLN A 105 -5.03 -13.11 -9.14
C GLN A 105 -5.82 -11.80 -8.86
N ALA A 106 -6.71 -11.39 -9.79
CA ALA A 106 -7.56 -10.21 -9.62
C ALA A 106 -8.48 -10.39 -8.39
N LYS A 107 -9.09 -11.59 -8.25
CA LYS A 107 -9.96 -11.92 -7.13
C LYS A 107 -9.17 -12.04 -5.82
N LYS A 108 -7.90 -12.50 -5.89
CA LYS A 108 -6.97 -12.56 -4.75
C LYS A 108 -6.58 -11.14 -4.32
N ASP A 109 -6.34 -10.23 -5.29
CA ASP A 109 -6.01 -8.82 -5.01
C ASP A 109 -7.19 -8.10 -4.38
N MET A 110 -8.41 -8.39 -4.88
CA MET A 110 -9.68 -7.89 -4.39
C MET A 110 -9.86 -8.31 -2.91
N LEU A 111 -9.55 -9.56 -2.56
CA LEU A 111 -9.66 -10.09 -1.20
C LEU A 111 -8.56 -9.56 -0.28
N LEU A 112 -7.38 -9.22 -0.82
CA LEU A 112 -6.30 -8.62 -0.01
C LEU A 112 -6.70 -7.21 0.39
N VAL A 113 -7.40 -6.49 -0.49
CA VAL A 113 -7.91 -5.14 -0.23
C VAL A 113 -9.04 -5.27 0.82
N LEU A 114 -10.02 -6.13 0.57
CA LEU A 114 -11.18 -6.37 1.47
C LEU A 114 -10.74 -6.79 2.87
N ALA A 115 -9.67 -7.58 2.98
CA ALA A 115 -9.12 -7.98 4.28
C ALA A 115 -8.57 -6.72 5.01
N ASP A 116 -8.00 -5.76 4.26
CA ASP A 116 -7.48 -4.51 4.84
C ASP A 116 -8.61 -3.56 5.21
N ILE A 117 -9.74 -3.68 4.51
CA ILE A 117 -10.94 -2.92 4.85
C ILE A 117 -11.47 -3.47 6.17
N GLU A 118 -11.56 -4.80 6.30
CA GLU A 118 -12.08 -5.51 7.50
C GLU A 118 -11.25 -5.14 8.71
N LEU A 119 -9.93 -5.06 8.51
CA LEU A 119 -8.95 -4.70 9.52
C LEU A 119 -9.27 -3.31 10.04
N ALA A 120 -9.48 -2.31 9.14
CA ALA A 120 -9.82 -0.94 9.54
C ALA A 120 -11.17 -0.93 10.29
N GLN A 121 -12.12 -1.82 9.91
CA GLN A 121 -13.43 -1.95 10.54
C GLN A 121 -13.32 -2.54 11.96
N ALA A 122 -12.56 -3.67 12.11
CA ALA A 122 -12.28 -4.35 13.38
C ALA A 122 -11.57 -3.39 14.38
N LEU A 123 -10.67 -2.54 13.85
CA LEU A 123 -9.89 -1.55 14.58
C LEU A 123 -10.80 -0.49 15.22
N GLN A 124 -11.88 -0.06 14.53
CA GLN A 124 -12.80 0.97 15.02
C GLN A 124 -13.82 0.45 16.05
N ALA A 125 -13.85 -0.88 16.31
CA ALA A 125 -14.76 -1.53 17.28
C ALA A 125 -14.58 -0.92 18.66
N VAL A 126 -15.70 -0.46 19.25
CA VAL A 126 -15.74 0.18 20.57
C VAL A 126 -15.70 -0.91 21.65
N SER A 127 -14.54 -1.04 22.32
CA SER A 127 -14.31 -2.00 23.40
C SER A 127 -15.02 -1.57 24.69
N GLU A 128 -15.13 -2.49 25.66
CA GLU A 128 -15.76 -2.26 26.97
C GLU A 128 -14.93 -1.30 27.85
N GLN A 129 -13.58 -1.34 27.72
CA GLN A 129 -12.66 -0.47 28.47
C GLN A 129 -12.85 1.01 28.04
N GLU A 130 -13.33 1.22 26.80
CA GLU A 130 -13.66 2.53 26.23
C GLU A 130 -15.04 2.97 26.70
N LYS A 131 -15.94 1.98 26.90
CA LYS A 131 -17.32 2.18 27.35
C LYS A 131 -17.40 2.49 28.85
N THR A 132 -16.33 2.16 29.61
CA THR A 132 -16.27 2.39 31.05
C THR A 132 -15.41 3.64 31.41
N VAL A 133 -15.42 4.65 30.51
CA VAL A 133 -14.72 5.93 30.70
C VAL A 133 -15.78 7.06 30.50
N GLU A 134 -15.81 8.06 31.40
CA GLU A 134 -16.82 9.14 31.40
C GLU A 134 -16.53 10.26 30.39
N GLU A 135 -15.33 10.33 29.85
CA GLU A 135 -14.95 11.29 28.80
C GLU A 135 -14.35 10.53 27.66
N VAL A 136 -14.83 10.77 26.46
CA VAL A 136 -14.35 10.07 25.26
C VAL A 136 -13.50 11.04 24.42
N PRO A 137 -12.53 10.52 23.65
CA PRO A 137 -11.75 11.41 22.76
C PRO A 137 -12.59 11.86 21.57
N HIS A 138 -12.19 12.95 20.89
CA HIS A 138 -12.90 13.38 19.68
C HIS A 138 -12.85 12.18 18.68
N PRO A 139 -13.92 11.90 17.88
CA PRO A 139 -13.86 10.74 16.95
C PRO A 139 -12.57 10.63 16.15
N LEU A 140 -12.02 11.76 15.65
CA LEU A 140 -10.79 11.73 14.84
C LEU A 140 -9.56 11.37 15.68
N ASP A 141 -9.52 11.84 16.95
CA ASP A 141 -8.44 11.51 17.90
C ASP A 141 -8.47 10.04 18.21
N ARG A 142 -9.66 9.50 18.46
CA ARG A 142 -9.85 8.07 18.70
C ARG A 142 -9.29 7.22 17.53
N ASP A 143 -9.65 7.55 16.26
CA ASP A 143 -9.21 6.82 15.04
C ASP A 143 -7.73 6.98 14.84
N TYR A 144 -7.21 8.19 15.11
CA TYR A 144 -5.78 8.44 15.05
C TYR A 144 -5.03 7.52 16.05
N GLN A 145 -5.51 7.43 17.29
CA GLN A 145 -4.92 6.62 18.37
C GLN A 145 -4.96 5.11 18.10
N LEU A 146 -6.03 4.62 17.45
CA LEU A 146 -6.18 3.20 17.10
C LEU A 146 -5.07 2.73 16.14
N LEU A 147 -4.52 3.65 15.33
CA LEU A 147 -3.43 3.34 14.41
C LEU A 147 -2.15 2.93 15.12
N LYS A 148 -1.89 3.44 16.38
CA LYS A 148 -0.63 3.23 17.14
C LYS A 148 0.53 3.61 16.17
N CYS A 149 0.42 4.80 15.59
CA CYS A 149 1.34 5.29 14.59
C CYS A 149 1.40 6.78 14.69
N GLN A 150 2.58 7.29 14.99
CA GLN A 150 2.78 8.71 15.09
C GLN A 150 2.88 9.26 13.70
N LEU A 151 2.09 10.30 13.45
CA LEU A 151 2.06 11.04 12.20
C LEU A 151 2.40 12.46 12.53
N GLN A 152 3.47 12.99 11.95
CA GLN A 152 3.84 14.37 12.22
C GLN A 152 3.86 15.14 10.90
N LEU A 153 2.98 16.11 10.76
CA LEU A 153 2.92 16.93 9.55
C LEU A 153 4.25 17.64 9.35
N LEU A 154 4.84 17.49 8.15
CA LEU A 154 6.10 18.12 7.84
C LEU A 154 5.91 19.59 7.50
N ASP A 155 6.83 20.44 7.93
CA ASP A 155 6.89 21.85 7.59
C ASP A 155 7.52 22.01 6.18
N SER A 156 6.90 22.87 5.31
CA SER A 156 7.37 23.25 3.96
C SER A 156 8.84 23.71 3.93
N GLY A 157 9.37 24.15 5.07
CA GLY A 157 10.73 24.62 5.21
C GLY A 157 11.72 23.58 5.68
N ALA A 158 11.25 22.39 6.13
CA ALA A 158 12.17 21.32 6.58
C ALA A 158 13.00 20.83 5.38
N PRO A 159 14.32 20.52 5.57
CA PRO A 159 15.14 20.06 4.43
C PRO A 159 14.59 18.81 3.73
N GLU A 160 14.03 17.83 4.46
CA GLU A 160 13.49 16.62 3.83
C GLU A 160 12.20 16.93 3.06
N TYR A 161 11.47 18.01 3.41
CA TYR A 161 10.28 18.38 2.65
C TYR A 161 10.71 18.69 1.18
N LYS A 162 11.78 19.49 1.01
CA LYS A 162 12.30 19.91 -0.29
C LYS A 162 12.91 18.71 -1.05
N VAL A 163 13.56 17.79 -0.33
CA VAL A 163 14.12 16.58 -0.92
C VAL A 163 12.98 15.69 -1.48
N ILE A 164 11.89 15.50 -0.70
CA ILE A 164 10.73 14.69 -1.12
C ILE A 164 10.02 15.34 -2.32
N GLN A 165 9.77 16.67 -2.23
CA GLN A 165 9.11 17.44 -3.28
C GLN A 165 9.85 17.30 -4.61
N THR A 166 11.20 17.39 -4.58
CA THR A 166 12.07 17.23 -5.74
C THR A 166 11.92 15.82 -6.32
N TYR A 167 11.88 14.79 -5.46
CA TYR A 167 11.74 13.38 -5.82
C TYR A 167 10.43 13.21 -6.56
N LEU A 168 9.32 13.76 -6.00
CA LEU A 168 7.99 13.74 -6.60
C LEU A 168 7.96 14.44 -7.95
N GLU A 169 8.44 15.69 -8.01
CA GLU A 169 8.42 16.52 -9.23
C GLU A 169 9.30 15.94 -10.32
N GLN A 170 10.51 15.53 -9.98
CA GLN A 170 11.46 15.00 -10.97
C GLN A 170 11.07 13.63 -11.52
N THR A 171 10.39 12.76 -10.74
CA THR A 171 10.06 11.40 -11.20
C THR A 171 8.53 11.19 -11.43
N GLY A 172 7.73 12.27 -11.31
CA GLY A 172 6.29 12.24 -11.54
C GLY A 172 5.94 12.20 -13.01
N SER A 173 4.67 11.86 -13.35
CA SER A 173 4.25 11.80 -14.76
C SER A 173 4.40 13.17 -15.41
N ASN A 174 5.17 13.22 -16.52
CA ASN A 174 5.58 14.41 -17.28
C ASN A 174 4.52 15.50 -17.37
N HIS A 175 3.31 15.18 -17.88
CA HIS A 175 2.27 16.20 -18.02
C HIS A 175 1.34 16.23 -16.80
N ARG A 176 0.65 15.12 -16.50
CA ARG A 176 -0.31 14.97 -15.41
C ARG A 176 0.40 14.83 -14.04
N CYS A 177 1.36 15.74 -13.72
CA CYS A 177 2.16 15.69 -12.49
C CYS A 177 1.27 15.83 -11.25
N PRO A 178 1.34 14.86 -10.29
CA PRO A 178 0.51 14.96 -9.08
C PRO A 178 0.91 16.19 -8.25
N THR A 179 -0.09 16.92 -7.74
CA THR A 179 0.16 18.13 -6.95
C THR A 179 0.31 17.73 -5.46
N LEU A 180 1.43 18.14 -4.87
CA LEU A 180 1.76 17.89 -3.47
C LEU A 180 0.94 18.80 -2.56
N GLN A 181 0.23 18.18 -1.61
CA GLN A 181 -0.59 18.90 -0.66
C GLN A 181 0.07 18.90 0.70
N HIS A 182 0.39 17.70 1.24
CA HIS A 182 0.96 17.53 2.57
C HIS A 182 1.88 16.35 2.60
N ILE A 183 2.90 16.40 3.47
CA ILE A 183 3.81 15.33 3.79
C ILE A 183 3.73 15.11 5.32
N TRP A 184 3.56 13.86 5.75
CA TRP A 184 3.58 13.47 7.15
C TRP A 184 4.75 12.56 7.37
N LYS A 185 5.49 12.74 8.49
CA LYS A 185 6.52 11.82 8.92
C LYS A 185 5.76 10.67 9.59
N VAL A 186 6.14 9.42 9.25
CA VAL A 186 5.47 8.21 9.77
C VAL A 186 6.42 7.50 10.71
N ASN A 187 5.97 7.24 11.95
CA ASN A 187 6.76 6.52 12.91
C ASN A 187 5.88 5.40 13.49
N GLN A 188 5.80 4.28 12.76
CA GLN A 188 5.01 3.09 13.16
C GLN A 188 5.67 2.51 14.41
N GLU A 189 5.05 2.71 15.57
CA GLU A 189 5.63 2.23 16.83
C GLU A 189 5.46 0.72 16.93
N GLY A 190 6.52 0.04 16.52
CA GLY A 190 6.68 -1.41 16.41
C GLY A 190 7.66 -1.74 15.30
N GLU A 191 7.70 -0.88 14.23
CA GLU A 191 8.59 -1.02 13.06
C GLU A 191 10.04 -0.64 13.34
N GLU A 192 10.30 0.17 14.39
CA GLU A 192 11.64 0.63 14.76
C GLU A 192 12.53 -0.53 15.25
N ASP A 193 11.95 -1.44 16.07
CA ASP A 193 12.66 -2.60 16.64
C ASP A 193 12.86 -3.74 15.62
N ARG A 194 11.94 -3.90 14.64
CA ARG A 194 12.06 -4.98 13.64
C ARG A 194 13.15 -4.63 12.60
N PHE A 195 13.23 -3.33 12.21
CA PHE A 195 14.20 -2.78 11.26
C PHE A 195 15.62 -2.82 11.84
N GLN A 196 15.76 -2.88 13.21
CA GLN A 196 17.04 -2.98 13.92
C GLN A 196 17.79 -4.26 13.53
N ALA A 197 17.04 -5.34 13.24
CA ALA A 197 17.57 -6.64 12.80
C ALA A 197 18.09 -6.59 11.34
N HIS A 198 18.32 -5.37 10.79
CA HIS A 198 18.86 -5.13 9.45
C HIS A 198 19.80 -3.91 9.45
N SER A 199 20.21 -3.46 10.66
CA SER A 199 21.09 -2.31 10.89
C SER A 199 22.42 -2.42 10.14
N LYS A 200 22.99 -3.64 10.04
CA LYS A 200 24.25 -3.87 9.34
C LYS A 200 24.06 -3.91 7.80
N LEU A 201 22.81 -4.11 7.33
CA LEU A 201 22.51 -4.14 5.90
C LEU A 201 22.53 -2.73 5.37
N GLY A 202 23.43 -2.48 4.44
CA GLY A 202 23.57 -1.18 3.81
C GLY A 202 22.69 -1.05 2.59
N ASN A 203 23.05 -0.11 1.70
CA ASN A 203 22.35 0.23 0.46
C ASN A 203 20.85 0.54 0.73
N ARG A 204 20.64 1.51 1.61
CA ARG A 204 19.34 2.05 1.98
C ARG A 204 18.89 3.13 1.02
N LYS A 205 17.68 2.98 0.49
CA LYS A 205 17.13 3.92 -0.49
C LYS A 205 15.69 4.24 -0.12
N LEU A 206 15.28 5.51 -0.33
CA LEU A 206 13.89 5.93 -0.07
C LEU A 206 13.08 5.65 -1.36
N LEU A 207 12.12 4.72 -1.28
CA LEU A 207 11.33 4.33 -2.47
C LEU A 207 9.84 4.52 -2.28
N TRP A 208 9.13 4.70 -3.40
CA TRP A 208 7.69 4.92 -3.42
C TRP A 208 6.91 3.62 -3.30
N HIS A 209 5.72 3.74 -2.66
CA HIS A 209 4.74 2.68 -2.56
C HIS A 209 3.35 3.33 -2.64
N GLY A 210 2.74 3.22 -3.82
CA GLY A 210 1.42 3.78 -4.06
C GLY A 210 0.35 2.75 -3.77
N THR A 211 -0.82 3.21 -3.27
CA THR A 211 -1.86 2.23 -2.93
C THR A 211 -3.30 2.81 -2.94
N ASN A 212 -4.29 1.90 -2.82
CA ASN A 212 -5.72 2.17 -2.64
C ASN A 212 -5.87 3.00 -1.38
N MET A 213 -6.76 4.01 -1.35
CA MET A 213 -7.06 4.74 -0.12
C MET A 213 -7.57 3.79 0.98
N ALA A 214 -8.29 2.72 0.58
CA ALA A 214 -8.92 1.75 1.49
C ALA A 214 -7.91 0.91 2.27
N VAL A 215 -6.62 0.93 1.90
CA VAL A 215 -5.67 0.10 2.63
C VAL A 215 -4.65 0.99 3.43
N VAL A 216 -4.77 2.34 3.38
CA VAL A 216 -3.85 3.25 4.08
C VAL A 216 -3.90 3.01 5.61
N ALA A 217 -5.11 2.91 6.19
CA ALA A 217 -5.31 2.65 7.62
C ALA A 217 -4.58 1.36 8.07
N ALA A 218 -4.81 0.23 7.36
CA ALA A 218 -4.17 -1.08 7.65
C ALA A 218 -2.63 -0.99 7.54
N ILE A 219 -2.11 -0.23 6.57
CA ILE A 219 -0.66 -0.06 6.41
C ILE A 219 -0.10 0.78 7.59
N LEU A 220 -0.82 1.85 8.00
CA LEU A 220 -0.37 2.69 9.12
C LEU A 220 -0.41 1.91 10.42
N THR A 221 -1.28 0.92 10.54
CA THR A 221 -1.37 0.09 11.74
C THR A 221 -0.38 -1.08 11.72
N SER A 222 -0.19 -1.75 10.55
CA SER A 222 0.56 -3.01 10.48
C SER A 222 1.81 -2.98 9.58
N GLY A 223 2.04 -1.89 8.89
CA GLY A 223 3.17 -1.75 7.97
C GLY A 223 2.87 -2.43 6.66
N LEU A 224 3.88 -2.49 5.79
CA LEU A 224 3.80 -3.17 4.50
C LEU A 224 4.07 -4.65 4.76
N ARG A 225 3.18 -5.50 4.27
CA ARG A 225 3.25 -6.93 4.55
C ARG A 225 3.31 -7.76 3.30
N ILE A 226 3.75 -9.00 3.48
CA ILE A 226 3.78 -10.01 2.44
C ILE A 226 2.70 -11.01 2.85
N MET A 227 1.55 -10.97 2.18
CA MET A 227 0.44 -11.89 2.51
C MET A 227 0.59 -13.21 1.72
N PRO A 228 0.10 -14.36 2.24
CA PRO A 228 0.30 -15.63 1.51
C PRO A 228 -0.22 -15.69 0.07
N HIS A 229 -1.25 -14.87 -0.29
CA HIS A 229 -1.86 -14.87 -1.63
C HIS A 229 -1.39 -13.67 -2.51
N SER A 230 -0.45 -12.85 -2.02
CA SER A 230 0.03 -11.74 -2.84
C SER A 230 1.09 -12.25 -3.80
N GLY A 231 1.26 -11.51 -4.90
CA GLY A 231 2.19 -11.81 -5.96
C GLY A 231 2.24 -10.65 -6.93
N GLY A 232 2.91 -10.85 -8.04
CA GLY A 232 3.07 -9.88 -9.11
C GLY A 232 4.11 -10.38 -10.08
N ARG A 233 4.61 -9.48 -10.94
CA ARG A 233 5.58 -9.81 -11.98
C ARG A 233 6.94 -10.26 -11.42
N VAL A 234 7.22 -9.96 -10.12
CA VAL A 234 8.51 -10.31 -9.51
C VAL A 234 8.33 -11.20 -8.25
N GLY A 235 7.23 -11.95 -8.23
CA GLY A 235 6.93 -12.87 -7.14
C GLY A 235 6.35 -12.30 -5.86
N LYS A 236 6.43 -13.08 -4.77
CA LYS A 236 5.81 -12.76 -3.50
C LYS A 236 6.73 -11.93 -2.58
N GLY A 237 6.69 -10.62 -2.77
CA GLY A 237 7.46 -9.69 -1.95
C GLY A 237 6.78 -8.37 -1.78
N ILE A 238 7.48 -7.34 -1.29
CA ILE A 238 6.93 -5.98 -1.18
C ILE A 238 7.49 -5.20 -2.36
N TYR A 239 6.60 -4.58 -3.11
CA TYR A 239 6.92 -3.86 -4.32
C TYR A 239 7.10 -2.38 -4.04
N PHE A 240 8.16 -1.80 -4.61
CA PHE A 240 8.53 -0.39 -4.54
C PHE A 240 9.00 0.12 -5.90
N ALA A 241 8.99 1.45 -6.09
CA ALA A 241 9.46 2.09 -7.32
C ALA A 241 10.37 3.29 -6.99
N SER A 242 11.32 3.54 -7.87
CA SER A 242 12.23 4.71 -7.80
C SER A 242 11.60 5.89 -8.56
N GLU A 243 10.51 5.62 -9.32
CA GLU A 243 9.76 6.60 -10.11
C GLU A 243 8.36 6.72 -9.56
N ASN A 244 8.02 7.96 -9.22
CA ASN A 244 6.73 8.30 -8.66
C ASN A 244 5.62 7.92 -9.64
N SER A 245 5.79 8.25 -10.94
CA SER A 245 4.79 7.93 -11.98
C SER A 245 4.46 6.43 -12.01
N LYS A 246 5.45 5.53 -11.73
CA LYS A 246 5.18 4.07 -11.64
C LYS A 246 4.26 3.75 -10.45
N SER A 247 4.58 4.24 -9.24
CA SER A 247 3.74 3.99 -8.05
C SER A 247 2.35 4.71 -8.12
N ALA A 248 2.28 5.90 -8.75
CA ALA A 248 1.04 6.67 -8.93
C ALA A 248 -0.01 5.89 -9.74
N GLY A 249 0.44 4.88 -10.51
CA GLY A 249 -0.44 3.99 -11.27
C GLY A 249 -1.27 3.09 -10.39
N TYR A 250 -0.76 2.74 -9.19
CA TYR A 250 -1.47 1.90 -8.23
C TYR A 250 -2.20 2.75 -7.20
N VAL A 251 -2.22 4.08 -7.38
CA VAL A 251 -2.89 4.97 -6.45
C VAL A 251 -4.33 5.08 -6.87
N ILE A 252 -5.23 4.53 -6.05
CA ILE A 252 -6.66 4.64 -6.30
C ILE A 252 -7.14 5.72 -5.32
N GLY A 253 -7.46 6.87 -5.90
CA GLY A 253 -7.93 8.02 -5.15
C GLY A 253 -9.43 8.12 -5.17
N MET A 254 -9.96 9.21 -4.62
CA MET A 254 -11.39 9.42 -4.55
C MET A 254 -11.72 10.84 -4.90
N LYS A 255 -12.93 11.05 -5.47
CA LYS A 255 -13.40 12.37 -5.85
C LYS A 255 -13.85 13.13 -4.61
N CYS A 256 -13.17 14.25 -4.35
CA CYS A 256 -13.43 15.13 -3.20
C CYS A 256 -13.60 16.55 -3.73
N GLY A 257 -14.85 16.93 -4.03
CA GLY A 257 -15.18 18.23 -4.59
C GLY A 257 -14.79 18.30 -6.06
N ALA A 258 -13.87 19.22 -6.40
CA ALA A 258 -13.37 19.37 -7.78
C ALA A 258 -12.14 18.49 -8.01
N HIS A 259 -11.41 18.21 -6.91
CA HIS A 259 -10.15 17.47 -6.87
C HIS A 259 -10.30 15.95 -6.64
N HIS A 260 -9.24 15.23 -7.00
CA HIS A 260 -9.06 13.80 -6.85
C HIS A 260 -7.91 13.61 -5.86
N VAL A 261 -8.23 13.30 -4.58
CA VAL A 261 -7.24 13.11 -3.51
C VAL A 261 -6.77 11.64 -3.46
N GLY A 262 -5.47 11.47 -3.28
CA GLY A 262 -4.80 10.18 -3.17
C GLY A 262 -3.64 10.23 -2.19
N TYR A 263 -3.19 9.05 -1.73
CA TYR A 263 -2.09 8.95 -0.79
C TYR A 263 -1.02 8.03 -1.30
N MET A 264 0.25 8.42 -1.06
CA MET A 264 1.41 7.65 -1.46
C MET A 264 2.37 7.54 -0.30
N PHE A 265 3.01 6.38 -0.17
CA PHE A 265 4.02 6.20 0.88
C PHE A 265 5.44 6.31 0.35
N LEU A 266 6.34 6.71 1.23
CA LEU A 266 7.78 6.64 1.01
C LEU A 266 8.32 5.71 2.06
N GLY A 267 9.01 4.66 1.63
CA GLY A 267 9.61 3.72 2.57
C GLY A 267 11.12 3.72 2.50
N GLU A 268 11.79 3.58 3.65
CA GLU A 268 13.22 3.38 3.70
C GLU A 268 13.44 1.89 3.55
N VAL A 269 14.05 1.50 2.44
CA VAL A 269 14.28 0.10 2.11
C VAL A 269 15.76 -0.26 2.23
N ALA A 270 16.12 -1.24 3.09
CA ALA A 270 17.49 -1.76 3.18
C ALA A 270 17.66 -2.77 2.05
N LEU A 271 18.21 -2.32 0.90
CA LEU A 271 18.34 -3.19 -0.27
C LEU A 271 19.53 -4.16 -0.18
N GLY A 272 20.55 -3.84 0.61
CA GLY A 272 21.72 -4.70 0.70
C GLY A 272 22.31 -5.01 -0.67
N ARG A 273 22.66 -6.29 -0.94
CA ARG A 273 23.21 -6.74 -2.24
C ARG A 273 22.05 -7.00 -3.22
N GLU A 274 22.04 -6.29 -4.34
CA GLU A 274 20.96 -6.38 -5.31
C GLU A 274 21.17 -7.39 -6.42
N HIS A 275 20.10 -8.11 -6.76
CA HIS A 275 20.08 -9.04 -7.88
C HIS A 275 19.23 -8.37 -8.92
N HIS A 276 19.81 -8.14 -10.11
CA HIS A 276 19.10 -7.45 -11.18
C HIS A 276 18.54 -8.43 -12.19
N ILE A 277 17.29 -8.20 -12.64
CA ILE A 277 16.64 -9.04 -13.64
C ILE A 277 16.05 -8.13 -14.73
N ASN A 278 15.75 -8.71 -15.91
CA ASN A 278 15.19 -7.94 -17.02
C ASN A 278 14.00 -8.69 -17.66
N THR A 279 13.49 -9.71 -16.96
CA THR A 279 12.39 -10.57 -17.39
C THR A 279 11.48 -10.86 -16.19
N ASP A 280 10.15 -10.85 -16.40
CA ASP A 280 9.18 -11.20 -15.33
C ASP A 280 9.49 -12.57 -14.73
N ASN A 281 9.44 -12.68 -13.39
CA ASN A 281 9.58 -13.96 -12.69
C ASN A 281 8.55 -13.97 -11.54
N PRO A 282 7.27 -14.30 -11.88
CA PRO A 282 6.21 -14.30 -10.84
C PRO A 282 6.34 -15.42 -9.79
N SER A 283 7.30 -16.36 -9.93
CA SER A 283 7.47 -17.48 -8.99
C SER A 283 8.49 -17.21 -7.86
N LEU A 284 9.16 -16.04 -7.87
CA LEU A 284 10.14 -15.71 -6.83
C LEU A 284 9.46 -15.53 -5.46
N LYS A 285 10.15 -15.96 -4.41
CA LYS A 285 9.70 -15.89 -3.02
C LYS A 285 10.85 -15.39 -2.17
N SER A 286 12.05 -15.27 -2.79
CA SER A 286 13.28 -14.78 -2.16
C SER A 286 14.32 -14.35 -3.21
N PRO A 287 15.35 -13.54 -2.86
CA PRO A 287 16.42 -13.28 -3.84
C PRO A 287 17.34 -14.49 -3.97
N PRO A 288 18.22 -14.59 -4.98
CA PRO A 288 19.14 -15.74 -5.03
C PRO A 288 20.09 -15.71 -3.82
N PRO A 289 20.75 -16.84 -3.45
CA PRO A 289 21.62 -16.81 -2.25
C PRO A 289 22.71 -15.75 -2.32
N GLY A 290 22.93 -15.05 -1.22
CA GLY A 290 23.92 -13.97 -1.14
C GLY A 290 23.36 -12.60 -1.49
N PHE A 291 22.08 -12.52 -1.97
CA PHE A 291 21.41 -11.25 -2.32
C PHE A 291 20.28 -10.93 -1.31
N ASP A 292 19.98 -9.63 -1.13
CA ASP A 292 19.01 -9.15 -0.15
C ASP A 292 17.76 -8.51 -0.78
N SER A 293 17.82 -8.26 -2.08
CA SER A 293 16.74 -7.67 -2.84
C SER A 293 16.85 -8.05 -4.31
N VAL A 294 15.75 -7.91 -5.04
CA VAL A 294 15.63 -8.16 -6.46
C VAL A 294 15.16 -6.87 -7.09
N ILE A 295 15.78 -6.47 -8.20
CA ILE A 295 15.37 -5.27 -8.91
C ILE A 295 15.06 -5.64 -10.34
N ALA A 296 13.79 -5.52 -10.71
CA ALA A 296 13.32 -5.72 -12.06
C ALA A 296 13.60 -4.40 -12.76
N ARG A 297 14.71 -4.35 -13.51
CA ARG A 297 15.25 -3.12 -14.08
C ARG A 297 14.46 -2.54 -15.23
N GLY A 298 14.04 -1.29 -15.07
CA GLY A 298 13.31 -0.55 -16.07
C GLY A 298 14.18 -0.03 -17.20
N HIS A 299 13.54 0.49 -18.26
CA HIS A 299 14.19 1.13 -19.41
C HIS A 299 14.85 2.42 -18.96
N THR A 300 14.28 3.05 -17.92
CA THR A 300 14.80 4.28 -17.36
C THR A 300 15.06 4.14 -15.86
N GLU A 301 15.78 5.10 -15.30
CA GLU A 301 16.07 5.17 -13.89
C GLU A 301 16.35 6.62 -13.52
N PRO A 302 15.85 7.17 -12.39
CA PRO A 302 16.21 8.54 -12.02
C PRO A 302 17.74 8.68 -12.09
N ASP A 303 18.23 9.70 -12.79
CA ASP A 303 19.68 9.94 -13.03
C ASP A 303 20.49 9.77 -11.72
N PRO A 304 21.35 8.72 -11.58
CA PRO A 304 22.03 8.50 -10.28
C PRO A 304 23.01 9.61 -9.90
N THR A 305 23.45 10.43 -10.87
CA THR A 305 24.35 11.56 -10.63
C THR A 305 23.66 12.57 -9.67
N GLN A 306 22.33 12.67 -9.74
CA GLN A 306 21.53 13.61 -8.97
C GLN A 306 21.05 13.05 -7.63
N ASP A 307 21.44 11.80 -7.27
CA ASP A 307 21.07 11.25 -5.95
C ASP A 307 21.54 12.17 -4.81
N THR A 308 20.76 12.28 -3.76
CA THR A 308 21.14 12.98 -2.55
C THR A 308 20.96 11.97 -1.42
N GLU A 309 21.14 12.42 -0.19
CA GLU A 309 20.95 11.53 0.96
C GLU A 309 20.19 12.22 2.05
N LEU A 310 19.49 11.43 2.85
CA LEU A 310 18.84 11.91 4.06
C LEU A 310 19.40 11.09 5.22
N GLU A 311 19.56 11.72 6.39
CA GLU A 311 19.99 11.03 7.57
C GLU A 311 18.75 10.69 8.38
N LEU A 312 18.49 9.39 8.51
CA LEU A 312 17.33 8.86 9.21
C LEU A 312 17.84 7.86 10.22
N ASP A 313 17.59 8.16 11.52
CA ASP A 313 18.01 7.38 12.71
C ASP A 313 19.50 6.95 12.64
N GLY A 314 20.38 7.92 12.36
CA GLY A 314 21.82 7.70 12.28
C GLY A 314 22.33 7.07 11.01
N GLN A 315 21.43 6.62 10.12
CA GLN A 315 21.74 5.98 8.83
C GLN A 315 21.51 6.92 7.66
N GLN A 316 22.37 6.79 6.65
CA GLN A 316 22.28 7.54 5.40
C GLN A 316 21.37 6.75 4.46
N VAL A 317 20.38 7.45 3.90
CA VAL A 317 19.38 6.88 2.99
C VAL A 317 19.45 7.65 1.67
N VAL A 318 19.68 6.93 0.59
CA VAL A 318 19.75 7.54 -0.73
C VAL A 318 18.35 7.98 -1.15
N VAL A 319 18.25 9.22 -1.63
CA VAL A 319 17.01 9.74 -2.17
C VAL A 319 17.27 10.16 -3.59
N PRO A 320 16.68 9.46 -4.58
CA PRO A 320 16.83 9.93 -5.98
C PRO A 320 16.32 11.36 -6.16
N GLN A 321 17.01 12.20 -6.93
CA GLN A 321 16.56 13.58 -7.19
C GLN A 321 16.47 13.88 -8.69
N GLY A 322 16.96 12.96 -9.51
CA GLY A 322 17.04 13.18 -10.94
C GLY A 322 15.85 12.72 -11.75
N GLN A 323 15.74 13.26 -12.94
CA GLN A 323 14.68 12.85 -13.87
C GLN A 323 15.03 11.45 -14.42
N PRO A 324 14.03 10.63 -14.82
CA PRO A 324 14.35 9.33 -15.43
C PRO A 324 15.13 9.51 -16.73
N VAL A 325 16.27 8.81 -16.86
CA VAL A 325 17.16 8.81 -18.01
C VAL A 325 17.32 7.34 -18.47
N PRO A 326 17.67 7.07 -19.76
CA PRO A 326 17.80 5.66 -20.20
C PRO A 326 18.83 4.84 -19.43
N CYS A 327 18.57 3.54 -19.33
CA CYS A 327 19.41 2.48 -18.78
C CYS A 327 19.71 1.57 -20.01
N PRO A 328 20.73 1.95 -20.85
CA PRO A 328 20.97 1.20 -22.12
C PRO A 328 21.17 -0.31 -21.97
N GLU A 329 21.77 -0.77 -20.83
CA GLU A 329 21.95 -2.21 -20.52
C GLU A 329 20.57 -2.89 -20.44
N PHE A 330 19.57 -2.16 -19.93
CA PHE A 330 18.23 -2.68 -19.77
C PHE A 330 17.21 -2.02 -20.76
N SER A 331 17.68 -1.60 -21.95
CA SER A 331 16.84 -1.08 -23.07
C SER A 331 15.90 -2.21 -23.48
N SER A 332 16.48 -3.41 -23.45
CA SER A 332 15.84 -4.69 -23.63
C SER A 332 15.60 -5.20 -22.23
N SER A 333 14.37 -4.97 -21.79
CA SER A 333 13.81 -5.37 -20.53
C SER A 333 12.31 -5.47 -20.71
N THR A 334 11.68 -6.43 -20.05
CA THR A 334 10.24 -6.54 -20.10
C THR A 334 9.60 -5.47 -19.20
N PHE A 335 10.41 -4.70 -18.40
CA PHE A 335 9.91 -3.67 -17.48
C PHE A 335 10.18 -2.24 -18.01
N SER A 336 9.13 -1.43 -18.20
CA SER A 336 9.31 -0.04 -18.64
C SER A 336 9.96 0.74 -17.52
N GLN A 337 9.45 0.54 -16.30
CA GLN A 337 9.95 1.17 -15.10
C GLN A 337 10.37 0.10 -14.08
N SER A 338 11.38 0.41 -13.27
CA SER A 338 11.90 -0.53 -12.29
C SER A 338 10.93 -0.81 -11.16
N GLU A 339 11.00 -2.06 -10.68
CA GLU A 339 10.27 -2.56 -9.52
C GLU A 339 11.33 -3.11 -8.58
N TYR A 340 11.39 -2.55 -7.36
CA TYR A 340 12.31 -2.90 -6.28
C TYR A 340 11.59 -3.86 -5.32
N LEU A 341 12.18 -5.05 -5.08
CA LEU A 341 11.59 -6.12 -4.28
C LEU A 341 12.43 -6.56 -3.11
N ILE A 342 11.77 -6.69 -1.95
CA ILE A 342 12.29 -7.26 -0.70
C ILE A 342 11.35 -8.41 -0.34
N TYR A 343 11.89 -9.47 0.27
CA TYR A 343 11.12 -10.67 0.56
C TYR A 343 11.07 -10.95 2.05
N GLN A 344 11.27 -9.89 2.82
CA GLN A 344 11.11 -9.91 4.27
C GLN A 344 10.67 -8.51 4.71
N GLU A 345 9.56 -8.46 5.43
CA GLU A 345 8.91 -7.22 5.91
C GLU A 345 9.83 -6.31 6.75
N SER A 346 10.78 -6.90 7.46
CA SER A 346 11.73 -6.18 8.31
C SER A 346 12.70 -5.30 7.51
N GLN A 347 12.87 -5.54 6.21
CA GLN A 347 13.77 -4.73 5.37
C GLN A 347 13.16 -3.35 4.95
N CYS A 348 11.91 -3.05 5.37
CA CYS A 348 11.21 -1.81 5.07
C CYS A 348 10.84 -1.09 6.33
N ARG A 349 10.94 0.23 6.27
CA ARG A 349 10.54 1.12 7.33
C ARG A 349 9.74 2.24 6.70
N LEU A 350 8.47 2.39 7.07
CA LEU A 350 7.65 3.48 6.53
C LEU A 350 8.22 4.79 7.07
N ARG A 351 8.44 5.76 6.17
CA ARG A 351 9.01 7.01 6.63
C ARG A 351 8.12 8.19 6.35
N TYR A 352 7.50 8.24 5.15
CA TYR A 352 6.65 9.38 4.84
C TYR A 352 5.33 8.95 4.22
N LEU A 353 4.31 9.81 4.43
CA LEU A 353 3.00 9.70 3.84
C LEU A 353 2.73 11.01 3.14
N LEU A 354 2.32 10.96 1.86
CA LEU A 354 2.08 12.11 1.03
C LEU A 354 0.67 12.18 0.59
N GLU A 355 0.08 13.38 0.67
CA GLU A 355 -1.25 13.63 0.13
C GLU A 355 -1.07 14.32 -1.21
N VAL A 356 -1.65 13.73 -2.25
CA VAL A 356 -1.53 14.27 -3.61
C VAL A 356 -2.93 14.44 -4.26
N HIS A 357 -3.08 15.54 -5.02
CA HIS A 357 -4.29 15.89 -5.76
C HIS A 357 -4.02 15.78 -7.28
CAK M95 B . -3.95 -3.72 -8.55
CAG M95 B . -3.78 -2.71 -9.55
CAF M95 B . -3.81 -1.34 -9.16
CAH M95 B . -3.97 -0.99 -7.78
CAL M95 B . -4.14 -2.00 -6.80
CAU M95 B . -4.13 -3.41 -7.16
CAP M95 B . -4.29 -4.48 -6.23
CAZ M95 B . -3.43 -4.46 -4.95
CAO M95 B . -3.33 -5.86 -4.38
OAC M95 B . -3.22 -5.81 -2.94
NAR M95 B . -2.07 -3.94 -5.36
CAT M95 B . -1.45 -2.93 -4.77
OAA M95 B . -1.89 -2.32 -3.82
CAD M95 B . -0.11 -2.59 -5.42
CAE M95 B . 0.78 -1.47 -4.93
CAV M95 B . 1.98 -1.24 -5.62
NAQ M95 B . 2.59 -2.10 -6.57
CAX M95 B . 3.72 -1.75 -7.15
CAM M95 B . 4.33 -2.61 -8.08
CAI M95 B . 5.52 -2.24 -8.69
CAJ M95 B . 6.10 -1.02 -8.35
CAN M95 B . 5.52 -0.15 -7.49
CAY M95 B . 4.33 -0.49 -6.84
CAW M95 B . 3.68 0.38 -5.90
OAB M95 B . 4.06 1.44 -5.53
NAS M95 B . 2.53 0.00 -5.36
#